data_7BGM
#
_entry.id   7BGM
#
_cell.length_a   172.422
_cell.length_b   69.477
_cell.length_c   52.130
_cell.angle_alpha   90.000
_cell.angle_beta   94.696
_cell.angle_gamma   90.000
#
_symmetry.space_group_name_H-M   'C 1 2 1'
#
loop_
_entity.id
_entity.type
_entity.pdbx_description
1 polymer 'Phosphoribosyl-AMP cyclohydrolase'
2 non-polymer 'ZINC ION'
3 water water
#
_entity_poly.entity_id   1
_entity_poly.type   'polypeptide(L)'
_entity_poly.pdbx_seq_one_letter_code
;SNAVDSLLDSVKWDNKGLAVAIAQNVDTGAILMQGFANREAVATTISSRKATFYSRSRSSLWTKGETSNNFINVHDVFLD
CDRDSIIYLGKPDGPTCHTGAETCYYTPVFDLLKEEEVEGNKLALTSLYALESTISQRKAEVVEENGKPSWTKRLLLNDK
LLCSKIREEANELCETLENNEDKSRTASEMADVLYHAMVLLALKDVKVEEVLQVLRQRFSKSGIEEKRSRPTQKSVEN
;
_entity_poly.pdbx_strand_id   A,B
#
loop_
_chem_comp.id
_chem_comp.type
_chem_comp.name
_chem_comp.formula
ZN non-polymer 'ZINC ION' 'Zn 2'
#
# COMPACT_ATOMS: atom_id res chain seq x y z
N SER A 1 25.63 27.14 1.89
CA SER A 1 24.34 26.64 1.44
C SER A 1 23.66 25.83 2.53
N ASN A 2 22.35 25.64 2.41
CA ASN A 2 21.56 25.00 3.45
C ASN A 2 21.26 23.55 3.09
N ALA A 3 20.55 22.87 3.98
CA ALA A 3 20.40 21.43 3.84
C ALA A 3 19.46 21.08 2.68
N VAL A 4 18.39 21.87 2.50
CA VAL A 4 17.47 21.55 1.42
C VAL A 4 18.16 21.75 0.06
N ASP A 5 18.84 22.88 -0.13
CA ASP A 5 19.58 23.11 -1.37
C ASP A 5 20.56 21.97 -1.65
N SER A 6 21.27 21.51 -0.62
CA SER A 6 22.23 20.43 -0.81
C SER A 6 21.53 19.13 -1.22
N LEU A 7 20.37 18.87 -0.64
CA LEU A 7 19.61 17.69 -1.02
C LEU A 7 19.13 17.80 -2.47
N LEU A 8 18.58 18.97 -2.83
CA LEU A 8 18.08 19.12 -4.19
C LEU A 8 19.19 18.98 -5.23
N ASP A 9 20.42 19.38 -4.89
CA ASP A 9 21.52 19.21 -5.83
C ASP A 9 21.81 17.74 -6.12
N SER A 10 21.38 16.84 -5.26
CA SER A 10 21.68 15.41 -5.40
C SER A 10 20.59 14.65 -6.14
N VAL A 11 19.47 15.34 -6.51
CA VAL A 11 18.39 14.70 -7.26
C VAL A 11 18.80 14.67 -8.73
N LYS A 12 18.47 13.56 -9.40
CA LYS A 12 18.79 13.37 -10.82
C LYS A 12 17.64 13.92 -11.65
N TRP A 13 17.64 15.25 -11.81
CA TRP A 13 16.62 15.93 -12.61
C TRP A 13 16.80 15.55 -14.08
N ASP A 14 15.70 15.49 -14.82
CA ASP A 14 15.76 15.21 -16.25
C ASP A 14 16.12 16.51 -17.00
N ASN A 15 16.09 16.48 -18.33
CA ASN A 15 16.58 17.66 -19.05
C ASN A 15 15.54 18.78 -19.14
N LYS A 16 14.40 18.63 -18.46
CA LYS A 16 13.47 19.73 -18.22
C LYS A 16 13.47 20.16 -16.76
N GLY A 17 14.41 19.65 -15.96
CA GLY A 17 14.47 19.98 -14.56
C GLY A 17 13.46 19.27 -13.70
N LEU A 18 12.92 18.12 -14.14
CA LEU A 18 11.84 17.44 -13.43
C LEU A 18 12.28 16.07 -12.92
N ALA A 19 11.63 15.65 -11.83
CA ALA A 19 11.64 14.27 -11.37
C ALA A 19 10.19 13.78 -11.24
N VAL A 20 9.99 12.47 -11.26
CA VAL A 20 8.65 11.91 -11.05
C VAL A 20 8.33 11.99 -9.57
N ALA A 21 7.14 12.44 -9.22
CA ALA A 21 6.70 12.47 -7.83
C ALA A 21 5.41 11.68 -7.66
N ILE A 22 5.43 10.75 -6.71
CA ILE A 22 4.31 9.84 -6.50
C ILE A 22 3.78 10.08 -5.11
N ALA A 23 2.47 10.40 -5.01
CA ALA A 23 1.86 10.53 -3.69
C ALA A 23 1.25 9.22 -3.26
N GLN A 24 1.54 8.81 -2.01
CA GLN A 24 1.14 7.51 -1.51
C GLN A 24 0.55 7.67 -0.11
N ASN A 25 -0.58 7.00 0.14
CA ASN A 25 -1.26 7.06 1.45
C ASN A 25 -0.36 6.43 2.52
N VAL A 26 0.03 7.23 3.52
CA VAL A 26 0.93 6.78 4.60
C VAL A 26 0.34 5.65 5.42
N ASP A 27 -1.00 5.59 5.53
CA ASP A 27 -1.61 4.57 6.38
C ASP A 27 -1.89 3.28 5.62
N THR A 28 -2.20 3.34 4.31
CA THR A 28 -2.64 2.14 3.60
C THR A 28 -1.72 1.69 2.50
N GLY A 29 -0.94 2.59 1.91
CA GLY A 29 -0.11 2.26 0.75
C GLY A 29 -0.76 2.50 -0.59
N ALA A 30 -2.04 2.91 -0.65
CA ALA A 30 -2.64 3.24 -1.94
C ALA A 30 -1.88 4.36 -2.62
N ILE A 31 -1.63 4.21 -3.92
CA ILE A 31 -1.06 5.29 -4.69
C ILE A 31 -2.17 6.28 -5.02
N LEU A 32 -2.01 7.53 -4.56
CA LEU A 32 -3.04 8.54 -4.72
C LEU A 32 -3.00 9.17 -6.10
N MET A 33 -1.80 9.55 -6.54
CA MET A 33 -1.63 10.26 -7.82
C MET A 33 -0.14 10.28 -8.13
N GLN A 34 0.18 10.59 -9.39
CA GLN A 34 1.56 10.73 -9.77
C GLN A 34 1.66 11.93 -10.68
N GLY A 35 2.66 12.79 -10.40
CA GLY A 35 2.97 13.91 -11.25
C GLY A 35 4.45 14.13 -11.40
N PHE A 36 4.86 15.38 -11.59
CA PHE A 36 6.26 15.73 -11.74
C PHE A 36 6.58 16.85 -10.75
N ALA A 37 7.84 16.97 -10.39
CA ALA A 37 8.25 18.01 -9.46
C ALA A 37 9.56 18.60 -9.95
N ASN A 38 9.72 19.92 -9.85
CA ASN A 38 11.01 20.54 -10.05
C ASN A 38 11.60 20.89 -8.68
N ARG A 39 12.74 21.61 -8.68
CA ARG A 39 13.39 21.93 -7.41
C ARG A 39 12.42 22.64 -6.48
N GLU A 40 11.77 23.68 -6.99
CA GLU A 40 10.86 24.47 -6.17
C GLU A 40 9.70 23.62 -5.63
N ALA A 41 9.16 22.71 -6.44
CA ALA A 41 8.04 21.89 -5.95
C ALA A 41 8.47 21.00 -4.78
N VAL A 42 9.67 20.42 -4.86
CA VAL A 42 10.11 19.56 -3.76
C VAL A 42 10.39 20.41 -2.53
N ALA A 43 11.07 21.53 -2.71
CA ALA A 43 11.35 22.41 -1.56
C ALA A 43 10.06 22.89 -0.89
N THR A 44 9.03 23.19 -1.70
CA THR A 44 7.77 23.67 -1.14
C THR A 44 7.01 22.53 -0.44
N THR A 45 7.10 21.30 -0.97
CA THR A 45 6.49 20.17 -0.28
C THR A 45 7.14 19.94 1.08
N ILE A 46 8.46 20.08 1.13
CA ILE A 46 9.18 19.92 2.39
C ILE A 46 8.81 21.02 3.39
N SER A 47 8.82 22.29 2.94
CA SER A 47 8.59 23.40 3.86
C SER A 47 7.12 23.49 4.30
N SER A 48 6.18 23.24 3.38
CA SER A 48 4.75 23.38 3.70
C SER A 48 4.13 22.09 4.20
N ARG A 49 4.81 20.96 4.00
CA ARG A 49 4.28 19.62 4.29
C ARG A 49 2.96 19.37 3.56
N LYS A 50 2.78 19.97 2.38
CA LYS A 50 1.64 19.69 1.50
C LYS A 50 2.19 19.30 0.13
N ALA A 51 1.69 18.18 -0.42
CA ALA A 51 2.21 17.67 -1.69
C ALA A 51 2.08 18.73 -2.79
N THR A 52 3.22 19.08 -3.40
CA THR A 52 3.30 20.15 -4.38
C THR A 52 4.02 19.63 -5.62
N PHE A 53 3.53 20.05 -6.79
CA PHE A 53 3.93 19.49 -8.08
C PHE A 53 4.22 20.63 -9.04
N TYR A 54 4.81 20.28 -10.17
CA TYR A 54 4.92 21.19 -11.31
C TYR A 54 4.07 20.68 -12.46
N SER A 55 3.18 21.51 -12.96
CA SER A 55 2.33 21.13 -14.10
C SER A 55 3.09 21.39 -15.41
N ARG A 56 3.31 20.33 -16.19
CA ARG A 56 3.96 20.51 -17.48
C ARG A 56 3.09 21.33 -18.43
N SER A 57 1.77 21.09 -18.43
CA SER A 57 0.91 21.78 -19.38
C SER A 57 0.76 23.26 -19.03
N ARG A 58 0.72 23.59 -17.74
CA ARG A 58 0.54 24.96 -17.31
C ARG A 58 1.86 25.66 -16.99
N SER A 59 2.98 24.95 -17.07
CA SER A 59 4.29 25.47 -16.70
C SER A 59 4.25 26.21 -15.36
N SER A 60 3.67 25.57 -14.35
CA SER A 60 3.45 26.26 -13.09
C SER A 60 3.42 25.29 -11.92
N LEU A 61 3.80 25.78 -10.75
CA LEU A 61 3.66 25.02 -9.52
C LEU A 61 2.19 24.94 -9.13
N TRP A 62 1.81 23.82 -8.52
CA TRP A 62 0.48 23.72 -7.94
C TRP A 62 0.51 22.74 -6.78
N THR A 63 -0.31 23.03 -5.79
CA THR A 63 -0.40 22.22 -4.59
C THR A 63 -1.71 21.47 -4.65
N LYS A 64 -1.64 20.15 -4.52
CA LYS A 64 -2.85 19.35 -4.53
C LYS A 64 -3.75 19.80 -3.40
N GLY A 65 -5.01 20.16 -3.73
CA GLY A 65 -5.94 20.68 -2.74
C GLY A 65 -6.05 22.19 -2.68
N GLU A 66 -5.21 22.92 -3.45
CA GLU A 66 -5.31 24.38 -3.34
C GLU A 66 -6.70 24.91 -3.71
N THR A 67 -7.42 24.22 -4.60
CA THR A 67 -8.83 24.53 -4.89
C THR A 67 -9.80 23.56 -4.26
N SER A 68 -9.50 22.27 -4.30
CA SER A 68 -10.44 21.28 -3.84
C SER A 68 -10.47 21.12 -2.34
N ASN A 69 -9.43 21.62 -1.65
CA ASN A 69 -9.25 21.49 -0.20
C ASN A 69 -8.81 20.08 0.20
N ASN A 70 -8.58 19.18 -0.76
CA ASN A 70 -8.16 17.81 -0.45
C ASN A 70 -6.63 17.72 -0.49
N PHE A 71 -6.01 18.39 0.50
CA PHE A 71 -4.56 18.41 0.59
C PHE A 71 -4.02 17.03 0.94
N ILE A 72 -2.78 16.78 0.54
CA ILE A 72 -2.07 15.58 0.98
C ILE A 72 -1.00 16.05 1.95
N ASN A 73 -1.20 15.70 3.24
CA ASN A 73 -0.34 16.15 4.31
C ASN A 73 0.86 15.21 4.41
N VAL A 74 2.04 15.73 4.12
CA VAL A 74 3.21 14.90 3.89
C VAL A 74 3.88 14.53 5.21
N HIS A 75 4.05 13.21 5.42
CA HIS A 75 4.72 12.64 6.59
C HIS A 75 6.20 12.33 6.35
N ASP A 76 6.56 11.99 5.11
CA ASP A 76 7.96 11.71 4.79
C ASP A 76 8.09 11.81 3.28
N VAL A 77 9.34 11.94 2.83
CA VAL A 77 9.70 12.03 1.41
C VAL A 77 10.85 11.05 1.18
N PHE A 78 10.72 10.21 0.16
CA PHE A 78 11.75 9.26 -0.22
C PHE A 78 12.20 9.45 -1.68
N LEU A 79 13.50 9.28 -1.93
CA LEU A 79 14.06 9.15 -3.27
C LEU A 79 14.29 7.67 -3.58
N ASP A 80 14.21 7.31 -4.87
CA ASP A 80 14.59 5.95 -5.28
C ASP A 80 16.11 5.83 -5.42
N CYS A 81 16.56 4.62 -5.75
CA CYS A 81 18.00 4.30 -5.71
C CYS A 81 18.84 5.21 -6.60
N ASP A 82 18.33 5.57 -7.78
CA ASP A 82 19.09 6.41 -8.70
C ASP A 82 18.58 7.86 -8.69
N ARG A 83 17.74 8.21 -7.71
CA ARG A 83 17.40 9.57 -7.29
C ARG A 83 16.64 10.36 -8.37
N ASP A 84 15.90 9.69 -9.24
CA ASP A 84 15.05 10.40 -10.20
C ASP A 84 13.55 10.22 -9.96
N SER A 85 13.17 9.61 -8.84
CA SER A 85 11.79 9.30 -8.49
C SER A 85 11.60 9.57 -7.01
N ILE A 86 10.49 10.24 -6.67
CA ILE A 86 10.22 10.72 -5.32
C ILE A 86 8.89 10.16 -4.88
N ILE A 87 8.81 9.64 -3.63
CA ILE A 87 7.54 9.38 -2.99
C ILE A 87 7.25 10.47 -1.99
N TYR A 88 6.06 11.08 -2.11
CA TYR A 88 5.47 11.91 -1.08
C TYR A 88 4.55 11.00 -0.26
N LEU A 89 4.99 10.63 0.94
CA LEU A 89 4.22 9.71 1.78
C LEU A 89 3.36 10.55 2.74
N GLY A 90 2.04 10.47 2.59
CA GLY A 90 1.20 11.43 3.29
C GLY A 90 -0.23 10.99 3.50
N LYS A 91 -0.99 11.84 4.20
CA LYS A 91 -2.36 11.55 4.58
C LYS A 91 -3.28 12.49 3.82
N PRO A 92 -4.19 11.98 2.96
CA PRO A 92 -5.07 12.88 2.22
C PRO A 92 -6.22 13.37 3.09
N ASP A 93 -6.59 14.63 2.89
CA ASP A 93 -7.78 15.21 3.53
C ASP A 93 -9.10 14.76 2.91
N GLY A 94 -9.06 14.22 1.71
CA GLY A 94 -10.26 13.79 1.00
C GLY A 94 -9.84 13.17 -0.32
N PRO A 95 -10.80 12.87 -1.19
CA PRO A 95 -10.47 12.18 -2.44
C PRO A 95 -9.46 12.96 -3.28
N THR A 96 -8.48 12.24 -3.84
CA THR A 96 -7.38 12.94 -4.49
C THR A 96 -7.71 13.32 -5.93
N CYS A 97 -8.55 12.53 -6.62
CA CYS A 97 -8.76 12.77 -8.04
C CYS A 97 -9.81 13.87 -8.27
N HIS A 98 -9.55 14.72 -9.26
CA HIS A 98 -10.50 15.76 -9.64
C HIS A 98 -11.84 15.18 -10.05
N THR A 99 -11.88 13.91 -10.47
CA THR A 99 -13.13 13.27 -10.83
C THR A 99 -13.97 12.92 -9.61
N GLY A 100 -13.42 13.03 -8.40
CA GLY A 100 -14.08 12.60 -7.19
C GLY A 100 -13.66 11.23 -6.69
N ALA A 101 -12.98 10.44 -7.52
CA ALA A 101 -12.47 9.14 -7.09
C ALA A 101 -11.43 9.30 -5.99
N GLU A 102 -11.33 8.29 -5.13
CA GLU A 102 -10.45 8.38 -3.98
C GLU A 102 -8.98 8.53 -4.38
N THR A 103 -8.61 7.85 -5.46
CA THR A 103 -7.30 7.97 -6.08
C THR A 103 -7.50 8.16 -7.56
N CYS A 104 -6.41 8.51 -8.21
CA CYS A 104 -6.49 8.70 -9.66
C CYS A 104 -6.48 7.37 -10.45
N TYR A 105 -6.38 6.23 -9.79
CA TYR A 105 -6.15 4.93 -10.47
C TYR A 105 -7.36 4.05 -10.28
N TYR A 106 -8.25 4.08 -11.26
CA TYR A 106 -9.50 3.33 -11.25
C TYR A 106 -9.84 2.76 -12.63
N THR A 107 -8.87 2.71 -13.55
CA THR A 107 -9.13 2.25 -14.91
C THR A 107 -8.39 0.93 -15.13
N PRO A 108 -9.04 -0.22 -14.91
CA PRO A 108 -8.33 -1.50 -15.01
C PRO A 108 -8.26 -1.95 -16.46
N VAL A 109 -7.06 -2.29 -16.91
CA VAL A 109 -6.83 -2.63 -18.30
C VAL A 109 -7.32 -4.02 -18.62
N PHE A 110 -7.10 -4.98 -17.72
CA PHE A 110 -7.43 -6.37 -18.02
C PHE A 110 -8.92 -6.56 -18.27
N ASP A 111 -9.76 -5.64 -17.80
CA ASP A 111 -11.21 -5.75 -18.01
C ASP A 111 -11.58 -5.66 -19.48
N LEU A 112 -10.92 -4.77 -20.23
CA LEU A 112 -11.27 -4.55 -21.63
C LEU A 112 -11.04 -5.78 -22.51
N LEU A 113 -10.41 -6.84 -21.99
CA LEU A 113 -10.16 -8.05 -22.76
C LEU A 113 -11.21 -9.15 -22.49
N LYS A 114 -12.24 -8.87 -21.69
CA LYS A 114 -13.29 -9.84 -21.40
C LYS A 114 -14.16 -10.06 -22.64
N GLU A 115 -15.31 -10.70 -22.46
CA GLU A 115 -16.14 -11.04 -23.61
C GLU A 115 -17.47 -10.29 -23.67
N GLU A 116 -17.99 -9.81 -22.54
CA GLU A 116 -19.20 -8.99 -22.58
C GLU A 116 -18.87 -7.57 -22.99
N GLU A 117 -19.75 -6.97 -23.81
CA GLU A 117 -19.68 -5.55 -24.09
C GLU A 117 -20.14 -4.81 -22.84
N VAL A 118 -19.18 -4.43 -22.00
CA VAL A 118 -19.44 -3.69 -20.77
C VAL A 118 -18.11 -3.09 -20.34
N GLU A 119 -18.19 -2.00 -19.59
CA GLU A 119 -17.00 -1.44 -18.94
C GLU A 119 -17.37 -1.14 -17.49
N GLY A 120 -16.35 -1.10 -16.63
CA GLY A 120 -16.58 -0.79 -15.23
C GLY A 120 -15.31 -0.35 -14.54
N ASN A 121 -15.28 0.92 -14.12
CA ASN A 121 -14.12 1.40 -13.40
C ASN A 121 -14.14 0.87 -11.96
N LYS A 122 -12.96 0.73 -11.39
CA LYS A 122 -12.84 0.30 -10.00
C LYS A 122 -11.46 0.72 -9.50
N LEU A 123 -11.40 1.17 -8.25
CA LEU A 123 -10.12 1.56 -7.68
C LEU A 123 -9.14 0.39 -7.67
N ALA A 124 -7.89 0.70 -7.98
CA ALA A 124 -6.81 -0.24 -7.67
C ALA A 124 -6.73 -0.48 -6.16
N LEU A 125 -6.76 -1.76 -5.77
CA LEU A 125 -6.73 -2.15 -4.37
C LEU A 125 -5.74 -3.29 -4.15
N THR A 126 -5.03 -3.25 -3.03
CA THR A 126 -4.14 -4.35 -2.68
C THR A 126 -4.92 -5.33 -1.80
N SER A 127 -4.33 -6.48 -1.48
CA SER A 127 -5.10 -7.60 -0.94
C SER A 127 -6.00 -7.24 0.25
N LEU A 128 -5.48 -6.50 1.23
CA LEU A 128 -6.27 -6.22 2.43
C LEU A 128 -7.49 -5.37 2.09
N TYR A 129 -7.32 -4.36 1.23
CA TYR A 129 -8.38 -3.42 0.86
C TYR A 129 -9.35 -4.05 -0.15
N ALA A 130 -8.84 -5.01 -0.95
CA ALA A 130 -9.71 -5.79 -1.84
C ALA A 130 -10.67 -6.64 -1.02
N LEU A 131 -10.18 -7.25 0.03
CA LEU A 131 -11.08 -7.99 0.91
C LEU A 131 -12.09 -7.06 1.57
N GLU A 132 -11.64 -5.90 2.04
CA GLU A 132 -12.56 -4.93 2.61
C GLU A 132 -13.65 -4.57 1.61
N SER A 133 -13.27 -4.36 0.35
CA SER A 133 -14.26 -4.00 -0.66
C SER A 133 -15.26 -5.12 -0.91
N THR A 134 -14.78 -6.36 -0.98
CA THR A 134 -15.66 -7.50 -1.19
C THR A 134 -16.70 -7.60 -0.08
N ILE A 135 -16.27 -7.44 1.18
CA ILE A 135 -17.20 -7.52 2.30
C ILE A 135 -18.25 -6.42 2.21
N SER A 136 -17.83 -5.20 1.89
CA SER A 136 -18.74 -4.08 1.75
C SER A 136 -19.78 -4.36 0.66
N GLN A 137 -19.34 -4.91 -0.46
CA GLN A 137 -20.28 -5.28 -1.51
C GLN A 137 -21.28 -6.32 -1.04
N ARG A 138 -20.83 -7.31 -0.25
CA ARG A 138 -21.77 -8.29 0.30
C ARG A 138 -22.76 -7.63 1.23
N LYS A 139 -22.30 -6.68 2.04
CA LYS A 139 -23.18 -5.99 2.98
C LYS A 139 -24.26 -5.21 2.25
N ALA A 140 -23.92 -4.65 1.09
CA ALA A 140 -24.84 -3.79 0.37
C ALA A 140 -25.92 -4.58 -0.36
N GLU A 141 -25.64 -5.84 -0.71
CA GLU A 141 -26.60 -6.55 -1.54
C GLU A 141 -27.71 -7.16 -0.67
N VAL A 142 -28.65 -7.82 -1.33
CA VAL A 142 -29.88 -8.31 -0.70
C VAL A 142 -30.18 -9.71 -1.20
N VAL A 143 -30.61 -10.59 -0.28
CA VAL A 143 -30.87 -12.02 -0.52
C VAL A 143 -29.98 -12.64 -1.60
N SER A 150 -24.57 -17.08 0.71
CA SER A 150 -23.19 -16.58 0.68
C SER A 150 -22.57 -16.60 2.07
N TRP A 151 -21.36 -17.15 2.21
CA TRP A 151 -20.81 -17.36 3.54
C TRP A 151 -20.49 -16.04 4.26
N THR A 152 -19.94 -15.07 3.53
CA THR A 152 -19.73 -13.76 4.14
C THR A 152 -21.06 -13.09 4.48
N LYS A 153 -22.05 -13.22 3.59
CA LYS A 153 -23.35 -12.64 3.88
C LYS A 153 -24.00 -13.26 5.11
N ARG A 154 -23.77 -14.56 5.35
CA ARG A 154 -24.31 -15.22 6.53
C ARG A 154 -23.79 -14.57 7.81
N LEU A 155 -22.51 -14.19 7.84
CA LEU A 155 -21.93 -13.59 9.04
C LEU A 155 -22.41 -12.17 9.24
N LEU A 156 -22.64 -11.44 8.15
CA LEU A 156 -23.16 -10.08 8.25
C LEU A 156 -24.55 -10.04 8.83
N LEU A 157 -25.29 -11.15 8.72
CA LEU A 157 -26.67 -11.22 9.18
C LEU A 157 -26.84 -12.06 10.44
N ASN A 158 -25.76 -12.29 11.18
CA ASN A 158 -25.90 -13.07 12.42
C ASN A 158 -24.74 -12.65 13.34
N ASP A 159 -24.97 -11.57 14.09
CA ASP A 159 -23.97 -11.04 15.03
C ASP A 159 -23.42 -12.10 15.97
N LYS A 160 -24.29 -13.02 16.44
CA LYS A 160 -23.86 -13.95 17.47
C LYS A 160 -22.97 -15.04 16.91
N LEU A 161 -23.29 -15.55 15.72
CA LEU A 161 -22.36 -16.42 15.02
C LEU A 161 -21.03 -15.72 14.78
N LEU A 162 -21.08 -14.44 14.37
CA LEU A 162 -19.84 -13.73 14.02
C LEU A 162 -18.94 -13.56 15.24
N CYS A 163 -19.50 -13.09 16.36
CA CYS A 163 -18.69 -12.87 17.55
C CYS A 163 -18.17 -14.18 18.10
N SER A 164 -19.00 -15.23 18.02
CA SER A 164 -18.54 -16.58 18.35
C SER A 164 -17.29 -16.95 17.56
N LYS A 165 -17.31 -16.70 16.24
CA LYS A 165 -16.17 -17.04 15.40
C LYS A 165 -14.93 -16.20 15.74
N ILE A 166 -15.11 -14.91 16.02
CA ILE A 166 -13.97 -14.05 16.31
C ILE A 166 -13.27 -14.54 17.57
N ARG A 167 -14.05 -14.81 18.63
CA ARG A 167 -13.47 -15.36 19.85
C ARG A 167 -12.79 -16.71 19.59
N GLU A 168 -13.47 -17.58 18.83
CA GLU A 168 -12.91 -18.90 18.50
C GLU A 168 -11.60 -18.77 17.74
N GLU A 169 -11.55 -17.87 16.75
CA GLU A 169 -10.37 -17.75 15.91
C GLU A 169 -9.20 -17.14 16.67
N ALA A 170 -9.49 -16.17 17.55
CA ALA A 170 -8.43 -15.58 18.36
C ALA A 170 -7.77 -16.63 19.23
N ASN A 171 -8.57 -17.54 19.79
CA ASN A 171 -8.00 -18.63 20.56
C ASN A 171 -7.19 -19.58 19.69
N GLU A 172 -7.66 -19.87 18.46
CA GLU A 172 -6.88 -20.69 17.52
C GLU A 172 -5.52 -20.07 17.25
N LEU A 173 -5.48 -18.75 17.03
CA LEU A 173 -4.21 -18.08 16.79
C LEU A 173 -3.28 -18.23 17.99
N CYS A 174 -3.82 -18.06 19.19
CA CYS A 174 -3.01 -18.23 20.40
C CYS A 174 -2.47 -19.66 20.49
N GLU A 175 -3.31 -20.66 20.15
CA GLU A 175 -2.88 -22.05 20.21
C GLU A 175 -1.66 -22.31 19.35
N THR A 176 -1.52 -21.61 18.21
CA THR A 176 -0.37 -21.87 17.33
C THR A 176 0.94 -21.52 18.02
N LEU A 177 0.91 -20.59 18.97
CA LEU A 177 2.06 -20.25 19.80
C LEU A 177 2.16 -21.16 21.00
N GLU A 178 1.06 -21.32 21.73
CA GLU A 178 1.08 -22.12 22.96
C GLU A 178 1.45 -23.58 22.69
N ASN A 179 1.00 -24.13 21.55
CA ASN A 179 1.26 -25.53 21.20
C ASN A 179 2.39 -25.68 20.20
N ASN A 180 3.10 -24.61 19.89
CA ASN A 180 4.29 -24.67 19.04
C ASN A 180 3.98 -25.31 17.68
N GLU A 181 2.96 -24.77 17.01
CA GLU A 181 2.60 -25.23 15.66
C GLU A 181 3.49 -24.57 14.61
N ASP A 182 3.43 -25.10 13.39
CA ASP A 182 4.23 -24.54 12.30
C ASP A 182 3.75 -23.13 11.96
N LYS A 183 4.67 -22.33 11.43
CA LYS A 183 4.31 -20.94 11.11
C LYS A 183 3.25 -20.88 10.01
N SER A 184 3.15 -21.91 9.16
CA SER A 184 2.07 -21.95 8.18
C SER A 184 0.72 -21.95 8.89
N ARG A 185 0.64 -22.62 10.05
CA ARG A 185 -0.59 -22.61 10.83
C ARG A 185 -0.87 -21.22 11.39
N THR A 186 0.17 -20.56 11.90
CA THR A 186 0.00 -19.20 12.44
C THR A 186 -0.52 -18.25 11.36
N ALA A 187 0.06 -18.31 10.16
CA ALA A 187 -0.41 -17.42 9.09
C ALA A 187 -1.86 -17.73 8.74
N SER A 188 -2.20 -19.01 8.67
CA SER A 188 -3.55 -19.38 8.31
C SER A 188 -4.55 -18.93 9.38
N GLU A 189 -4.19 -19.06 10.65
CA GLU A 189 -5.10 -18.62 11.72
C GLU A 189 -5.20 -17.11 11.78
N MET A 190 -4.09 -16.39 11.54
CA MET A 190 -4.17 -14.93 11.47
C MET A 190 -5.09 -14.49 10.34
N ALA A 191 -5.08 -15.21 9.21
CA ALA A 191 -6.00 -14.84 8.13
C ALA A 191 -7.44 -15.07 8.55
N ASP A 192 -7.71 -16.11 9.35
CA ASP A 192 -9.06 -16.35 9.89
C ASP A 192 -9.48 -15.22 10.81
N VAL A 193 -8.58 -14.80 11.70
CA VAL A 193 -8.87 -13.69 12.61
C VAL A 193 -9.18 -12.44 11.82
N LEU A 194 -8.31 -12.11 10.86
CA LEU A 194 -8.49 -10.89 10.08
C LEU A 194 -9.83 -10.89 9.36
N TYR A 195 -10.14 -11.98 8.67
CA TYR A 195 -11.38 -12.03 7.89
C TYR A 195 -12.59 -11.79 8.78
N HIS A 196 -12.71 -12.53 9.88
CA HIS A 196 -13.89 -12.38 10.73
C HIS A 196 -13.92 -11.00 11.40
N ALA A 197 -12.76 -10.50 11.83
CA ALA A 197 -12.75 -9.16 12.40
C ALA A 197 -13.20 -8.15 11.37
N MET A 198 -12.76 -8.29 10.11
CA MET A 198 -13.16 -7.31 9.11
C MET A 198 -14.66 -7.36 8.81
N VAL A 199 -15.31 -8.51 8.99
CA VAL A 199 -16.77 -8.53 8.86
C VAL A 199 -17.41 -7.69 9.95
N LEU A 200 -16.90 -7.80 11.19
CA LEU A 200 -17.38 -6.93 12.26
C LEU A 200 -17.11 -5.46 11.96
N LEU A 201 -15.92 -5.13 11.44
CA LEU A 201 -15.66 -3.73 11.06
C LEU A 201 -16.71 -3.23 10.07
N ALA A 202 -17.08 -4.07 9.10
CA ALA A 202 -18.09 -3.66 8.13
C ALA A 202 -19.42 -3.35 8.81
N LEU A 203 -19.83 -4.20 9.76
CA LEU A 203 -21.08 -3.94 10.47
C LEU A 203 -21.04 -2.65 11.29
N LYS A 204 -19.85 -2.25 11.77
CA LYS A 204 -19.68 -1.04 12.58
C LYS A 204 -19.31 0.19 11.75
N ASP A 205 -19.17 0.05 10.44
CA ASP A 205 -18.87 1.17 9.54
C ASP A 205 -17.46 1.71 9.83
N VAL A 206 -16.53 0.81 10.15
CA VAL A 206 -15.13 1.16 10.42
C VAL A 206 -14.27 0.70 9.25
N LYS A 207 -13.45 1.60 8.74
CA LYS A 207 -12.49 1.29 7.69
C LYS A 207 -11.14 0.85 8.27
N VAL A 208 -10.50 -0.11 7.59
CA VAL A 208 -9.15 -0.53 7.96
C VAL A 208 -8.21 0.67 8.10
N GLU A 209 -8.30 1.61 7.15
CA GLU A 209 -7.48 2.83 7.21
C GLU A 209 -7.63 3.57 8.54
N GLU A 210 -8.85 3.61 9.09
CA GLU A 210 -9.08 4.27 10.39
C GLU A 210 -8.38 3.52 11.51
N VAL A 211 -8.35 2.20 11.43
CA VAL A 211 -7.65 1.40 12.43
C VAL A 211 -6.15 1.67 12.35
N LEU A 212 -5.60 1.72 11.13
CA LEU A 212 -4.17 1.94 10.99
C LEU A 212 -3.77 3.36 11.40
N GLN A 213 -4.63 4.35 11.16
CA GLN A 213 -4.40 5.67 11.72
C GLN A 213 -4.29 5.59 13.25
N VAL A 214 -5.18 4.84 13.91
CA VAL A 214 -5.10 4.72 15.37
C VAL A 214 -3.73 4.19 15.78
N LEU A 215 -3.26 3.14 15.11
CA LEU A 215 -1.96 2.55 15.45
C LEU A 215 -0.81 3.52 15.21
N ARG A 216 -0.79 4.19 14.05
CA ARG A 216 0.24 5.19 13.81
C ARG A 216 0.28 6.22 14.92
N GLN A 217 -0.89 6.70 15.36
CA GLN A 217 -0.91 7.77 16.33
C GLN A 217 -0.44 7.31 17.70
N ARG A 218 -0.60 6.02 18.02
CA ARG A 218 -0.03 5.49 19.25
C ARG A 218 1.51 5.35 19.21
N PHE A 219 2.08 5.23 18.00
CA PHE A 219 3.47 4.82 17.70
C PHE A 219 3.72 3.34 18.03
N SER B 1 -9.78 -3.81 -34.72
CA SER B 1 -8.38 -4.21 -34.59
C SER B 1 -8.27 -5.37 -33.62
N ASN B 2 -7.49 -5.15 -32.56
CA ASN B 2 -7.48 -6.04 -31.41
C ASN B 2 -7.58 -5.20 -30.15
N ALA B 3 -7.93 -5.87 -29.05
CA ALA B 3 -8.27 -5.14 -27.84
C ALA B 3 -7.06 -4.45 -27.24
N VAL B 4 -5.88 -5.09 -27.27
CA VAL B 4 -4.71 -4.49 -26.65
C VAL B 4 -4.28 -3.26 -27.42
N ASP B 5 -4.26 -3.34 -28.76
CA ASP B 5 -3.87 -2.19 -29.56
C ASP B 5 -4.87 -1.04 -29.37
N SER B 6 -6.16 -1.37 -29.24
CA SER B 6 -7.17 -0.34 -29.02
C SER B 6 -6.96 0.35 -27.68
N LEU B 7 -6.66 -0.40 -26.63
CA LEU B 7 -6.38 0.22 -25.36
C LEU B 7 -5.11 1.07 -25.45
N LEU B 8 -4.05 0.51 -26.05
CA LEU B 8 -2.80 1.27 -26.16
C LEU B 8 -2.99 2.56 -26.95
N ASP B 9 -3.89 2.57 -27.94
CA ASP B 9 -4.22 3.79 -28.67
C ASP B 9 -4.78 4.88 -27.75
N SER B 10 -5.33 4.50 -26.58
CA SER B 10 -6.00 5.45 -25.69
C SER B 10 -5.06 5.99 -24.62
N VAL B 11 -3.83 5.48 -24.54
CA VAL B 11 -2.86 5.98 -23.58
C VAL B 11 -2.29 7.30 -24.08
N LYS B 12 -2.15 8.25 -23.15
CA LYS B 12 -1.57 9.56 -23.45
C LYS B 12 -0.05 9.45 -23.34
N TRP B 13 0.56 8.95 -24.41
CA TRP B 13 2.01 8.89 -24.48
C TRP B 13 2.61 10.28 -24.60
N ASP B 14 3.82 10.44 -24.06
CA ASP B 14 4.49 11.74 -24.17
C ASP B 14 5.15 11.82 -25.55
N ASN B 15 5.94 12.87 -25.78
CA ASN B 15 6.45 13.10 -27.13
C ASN B 15 7.61 12.19 -27.50
N LYS B 16 8.09 11.37 -26.55
CA LYS B 16 9.01 10.26 -26.80
C LYS B 16 8.28 8.91 -26.83
N GLY B 17 6.94 8.92 -26.77
CA GLY B 17 6.24 7.66 -26.83
C GLY B 17 6.15 6.95 -25.49
N LEU B 18 6.31 7.65 -24.38
CA LEU B 18 6.43 6.98 -23.08
C LEU B 18 5.33 7.41 -22.12
N ALA B 19 5.05 6.51 -21.16
CA ALA B 19 4.22 6.76 -19.99
C ALA B 19 5.02 6.34 -18.76
N VAL B 20 4.67 6.90 -17.58
CA VAL B 20 5.28 6.48 -16.32
C VAL B 20 4.68 5.14 -15.92
N ALA B 21 5.52 4.17 -15.54
CA ALA B 21 5.02 2.88 -15.04
C ALA B 21 5.57 2.63 -13.64
N ILE B 22 4.67 2.35 -12.72
CA ILE B 22 4.99 2.11 -11.31
C ILE B 22 4.63 0.68 -10.97
N ALA B 23 5.58 -0.07 -10.40
CA ALA B 23 5.30 -1.41 -9.93
C ALA B 23 4.96 -1.36 -8.45
N GLN B 24 3.87 -2.02 -8.07
CA GLN B 24 3.44 -1.99 -6.67
C GLN B 24 3.11 -3.39 -6.21
N ASN B 25 3.46 -3.71 -4.96
CA ASN B 25 3.21 -5.02 -4.36
C ASN B 25 1.70 -5.26 -4.18
N VAL B 26 1.19 -6.27 -4.89
CA VAL B 26 -0.25 -6.53 -4.89
C VAL B 26 -0.76 -6.88 -3.50
N ASP B 27 0.10 -7.47 -2.66
CA ASP B 27 -0.36 -7.89 -1.33
C ASP B 27 -0.23 -6.80 -0.28
N THR B 28 0.79 -5.94 -0.37
CA THR B 28 1.04 -4.97 0.70
C THR B 28 0.83 -3.51 0.33
N GLY B 29 0.97 -3.14 -0.97
CA GLY B 29 0.95 -1.75 -1.35
C GLY B 29 2.32 -1.10 -1.43
N ALA B 30 3.42 -1.78 -1.06
CA ALA B 30 4.72 -1.14 -1.17
C ALA B 30 5.00 -0.82 -2.62
N ILE B 31 5.50 0.40 -2.88
CA ILE B 31 5.96 0.75 -4.22
C ILE B 31 7.33 0.10 -4.43
N LEU B 32 7.45 -0.74 -5.46
CA LEU B 32 8.66 -1.53 -5.69
C LEU B 32 9.71 -0.74 -6.45
N MET B 33 9.28 -0.05 -7.48
CA MET B 33 10.15 0.64 -8.43
C MET B 33 9.27 1.49 -9.33
N GLN B 34 9.91 2.42 -10.05
CA GLN B 34 9.19 3.23 -11.04
C GLN B 34 10.10 3.40 -12.24
N GLY B 35 9.54 3.17 -13.43
CA GLY B 35 10.28 3.43 -14.64
C GLY B 35 9.39 3.99 -15.70
N PHE B 36 9.72 3.76 -16.97
CA PHE B 36 8.92 4.24 -18.07
C PHE B 36 8.52 3.07 -18.95
N ALA B 37 7.46 3.24 -19.76
CA ALA B 37 6.99 2.19 -20.63
C ALA B 37 6.53 2.82 -21.95
N ASN B 38 6.86 2.17 -23.08
CA ASN B 38 6.28 2.51 -24.38
C ASN B 38 5.20 1.47 -24.72
N ARG B 39 4.64 1.57 -25.94
CA ARG B 39 3.57 0.64 -26.35
C ARG B 39 4.01 -0.80 -26.16
N GLU B 40 5.22 -1.11 -26.63
CA GLU B 40 5.68 -2.50 -26.59
C GLU B 40 5.87 -2.98 -25.16
N ALA B 41 6.41 -2.13 -24.31
CA ALA B 41 6.61 -2.52 -22.90
C ALA B 41 5.27 -2.83 -22.24
N VAL B 42 4.23 -2.03 -22.52
CA VAL B 42 2.97 -2.29 -21.85
C VAL B 42 2.35 -3.55 -22.44
N ALA B 43 2.40 -3.70 -23.77
CA ALA B 43 1.86 -4.90 -24.41
C ALA B 43 2.57 -6.16 -23.91
N THR B 44 3.88 -6.06 -23.68
CA THR B 44 4.64 -7.22 -23.23
C THR B 44 4.36 -7.53 -21.76
N THR B 45 4.18 -6.50 -20.93
CA THR B 45 3.73 -6.73 -19.56
C THR B 45 2.40 -7.47 -19.55
N ILE B 46 1.47 -7.05 -20.40
CA ILE B 46 0.16 -7.71 -20.45
C ILE B 46 0.30 -9.15 -20.93
N SER B 47 1.02 -9.37 -22.03
CA SER B 47 1.05 -10.73 -22.59
C SER B 47 1.91 -11.67 -21.73
N SER B 48 3.07 -11.20 -21.23
CA SER B 48 3.98 -12.04 -20.46
C SER B 48 3.65 -12.11 -18.99
N ARG B 49 2.91 -11.13 -18.48
CA ARG B 49 2.62 -10.99 -17.05
C ARG B 49 3.88 -10.79 -16.23
N LYS B 50 4.95 -10.29 -16.84
CA LYS B 50 6.14 -9.84 -16.11
C LYS B 50 6.31 -8.36 -16.38
N ALA B 51 6.60 -7.59 -15.33
CA ALA B 51 6.73 -6.14 -15.43
C ALA B 51 7.87 -5.77 -16.37
N THR B 52 7.54 -5.02 -17.42
CA THR B 52 8.44 -4.74 -18.52
C THR B 52 8.44 -3.23 -18.74
N PHE B 53 9.63 -2.69 -19.01
CA PHE B 53 9.85 -1.25 -19.03
C PHE B 53 10.60 -0.88 -20.29
N TYR B 54 10.78 0.43 -20.47
CA TYR B 54 11.66 0.98 -21.51
C TYR B 54 12.72 1.87 -20.86
N SER B 55 14.00 1.57 -21.13
CA SER B 55 15.12 2.35 -20.60
C SER B 55 15.43 3.53 -21.52
N ARG B 56 15.29 4.75 -20.99
CA ARG B 56 15.61 5.92 -21.82
C ARG B 56 17.10 5.97 -22.13
N SER B 57 17.95 5.60 -21.17
CA SER B 57 19.40 5.67 -21.39
C SER B 57 19.87 4.58 -22.35
N ARG B 58 19.35 3.37 -22.23
CA ARG B 58 19.75 2.27 -23.11
C ARG B 58 18.93 2.23 -24.39
N SER B 59 17.91 3.07 -24.53
CA SER B 59 16.97 3.02 -25.65
C SER B 59 16.50 1.59 -25.91
N SER B 60 16.03 0.92 -24.87
CA SER B 60 15.83 -0.51 -24.99
C SER B 60 14.75 -0.97 -24.03
N LEU B 61 13.96 -1.94 -24.48
CA LEU B 61 13.06 -2.64 -23.57
C LEU B 61 13.84 -3.45 -22.56
N TRP B 62 13.31 -3.55 -21.33
CA TRP B 62 13.93 -4.45 -20.39
C TRP B 62 12.87 -4.95 -19.42
N THR B 63 13.10 -6.15 -18.91
CA THR B 63 12.17 -6.79 -17.97
C THR B 63 12.86 -6.83 -16.62
N LYS B 64 12.16 -6.35 -15.58
CA LYS B 64 12.72 -6.47 -14.23
C LYS B 64 12.94 -7.93 -13.91
N GLY B 65 14.20 -8.29 -13.56
CA GLY B 65 14.48 -9.68 -13.31
C GLY B 65 15.20 -10.40 -14.44
N GLU B 66 15.27 -9.80 -15.64
CA GLU B 66 15.91 -10.54 -16.72
C GLU B 66 17.35 -10.91 -16.39
N THR B 67 18.07 -10.09 -15.62
CA THR B 67 19.41 -10.43 -15.10
C THR B 67 19.38 -10.95 -13.66
N SER B 68 18.60 -10.30 -12.78
CA SER B 68 18.65 -10.60 -11.36
C SER B 68 17.84 -11.83 -10.98
N ASN B 69 16.95 -12.29 -11.86
CA ASN B 69 15.98 -13.35 -11.55
C ASN B 69 14.84 -12.88 -10.63
N ASN B 70 14.81 -11.61 -10.22
CA ASN B 70 13.74 -11.12 -9.33
C ASN B 70 12.63 -10.44 -10.14
N PHE B 71 11.83 -11.27 -10.81
CA PHE B 71 10.72 -10.80 -11.63
C PHE B 71 9.58 -10.27 -10.77
N ILE B 72 8.75 -9.42 -11.37
CA ILE B 72 7.49 -8.98 -10.75
C ILE B 72 6.37 -9.57 -11.58
N ASN B 73 5.64 -10.51 -10.99
CA ASN B 73 4.55 -11.22 -11.68
C ASN B 73 3.29 -10.38 -11.55
N VAL B 74 2.76 -9.96 -12.69
CA VAL B 74 1.77 -8.88 -12.71
C VAL B 74 0.36 -9.46 -12.60
N HIS B 75 -0.39 -9.00 -11.59
CA HIS B 75 -1.78 -9.41 -11.37
C HIS B 75 -2.76 -8.49 -12.08
N ASP B 76 -2.48 -7.20 -12.12
CA ASP B 76 -3.39 -6.28 -12.78
C ASP B 76 -2.63 -5.05 -13.24
N VAL B 77 -3.27 -4.27 -14.14
CA VAL B 77 -2.68 -3.05 -14.70
C VAL B 77 -3.74 -1.96 -14.67
N PHE B 78 -3.39 -0.78 -14.15
CA PHE B 78 -4.33 0.34 -14.03
C PHE B 78 -3.72 1.58 -14.66
N LEU B 79 -4.54 2.34 -15.40
CA LEU B 79 -4.21 3.68 -15.87
C LEU B 79 -4.75 4.73 -14.90
N ASP B 80 -4.05 5.86 -14.81
CA ASP B 80 -4.60 6.97 -14.04
C ASP B 80 -5.62 7.75 -14.86
N CYS B 81 -6.24 8.75 -14.22
CA CYS B 81 -7.43 9.41 -14.80
C CYS B 81 -7.16 10.06 -16.16
N ASP B 82 -5.96 10.64 -16.35
CA ASP B 82 -5.62 11.24 -17.65
C ASP B 82 -4.76 10.35 -18.52
N ARG B 83 -4.55 9.09 -18.09
CA ARG B 83 -4.03 7.99 -18.93
C ARG B 83 -2.56 8.17 -19.32
N ASP B 84 -1.76 8.86 -18.49
CA ASP B 84 -0.31 8.95 -18.74
C ASP B 84 0.51 8.24 -17.68
N SER B 85 -0.13 7.52 -16.75
CA SER B 85 0.55 6.88 -15.64
C SER B 85 -0.08 5.50 -15.45
N ILE B 86 0.75 4.50 -15.22
CA ILE B 86 0.34 3.10 -15.20
C ILE B 86 0.85 2.48 -13.92
N ILE B 87 0.00 1.70 -13.24
CA ILE B 87 0.45 0.84 -12.15
C ILE B 87 0.47 -0.60 -12.63
N TYR B 88 1.63 -1.26 -12.46
CA TYR B 88 1.75 -2.70 -12.58
C TYR B 88 1.61 -3.26 -11.16
N LEU B 89 0.47 -3.86 -10.87
CA LEU B 89 0.21 -4.41 -9.53
C LEU B 89 0.60 -5.88 -9.55
N GLY B 90 1.63 -6.26 -8.78
CA GLY B 90 2.14 -7.63 -8.93
C GLY B 90 2.92 -8.11 -7.72
N LYS B 91 3.42 -9.33 -7.83
CA LYS B 91 4.08 -10.01 -6.72
C LYS B 91 5.55 -10.25 -7.06
N PRO B 92 6.49 -9.67 -6.31
CA PRO B 92 7.93 -9.84 -6.62
C PRO B 92 8.47 -11.20 -6.20
N ASP B 93 9.35 -11.75 -7.07
CA ASP B 93 10.07 -13.01 -6.77
C ASP B 93 11.18 -12.85 -5.76
N GLY B 94 11.66 -11.64 -5.56
CA GLY B 94 12.77 -11.36 -4.70
C GLY B 94 12.99 -9.87 -4.69
N PRO B 95 14.08 -9.39 -4.09
CA PRO B 95 14.28 -7.94 -3.95
C PRO B 95 14.21 -7.25 -5.30
N THR B 96 13.48 -6.12 -5.33
CA THR B 96 13.28 -5.50 -6.63
C THR B 96 14.46 -4.61 -7.01
N CYS B 97 15.12 -3.98 -6.04
CA CYS B 97 16.18 -3.05 -6.41
C CYS B 97 17.45 -3.78 -6.83
N HIS B 98 18.10 -3.28 -7.89
CA HIS B 98 19.38 -3.83 -8.33
C HIS B 98 20.43 -3.78 -7.24
N THR B 99 20.28 -2.87 -6.28
CA THR B 99 21.20 -2.77 -5.14
C THR B 99 21.02 -3.90 -4.15
N GLY B 100 19.99 -4.73 -4.30
CA GLY B 100 19.65 -5.72 -3.31
C GLY B 100 18.59 -5.31 -2.33
N ALA B 101 18.29 -4.02 -2.23
CA ALA B 101 17.24 -3.56 -1.32
C ALA B 101 15.87 -4.12 -1.74
N GLU B 102 14.98 -4.32 -0.75
CA GLU B 102 13.68 -4.92 -1.06
C GLU B 102 12.89 -4.12 -2.09
N THR B 103 12.89 -2.78 -1.96
CA THR B 103 12.33 -1.88 -2.95
C THR B 103 13.40 -0.86 -3.29
N CYS B 104 13.14 -0.09 -4.35
CA CYS B 104 14.06 0.99 -4.72
C CYS B 104 13.99 2.20 -3.79
N TYR B 105 13.09 2.24 -2.78
CA TYR B 105 12.84 3.48 -2.03
C TYR B 105 13.29 3.31 -0.59
N TYR B 106 14.50 3.79 -0.30
CA TYR B 106 15.09 3.62 1.02
C TYR B 106 15.94 4.84 1.39
N THR B 107 15.77 5.95 0.67
CA THR B 107 16.52 7.17 0.92
C THR B 107 15.60 8.24 1.53
N PRO B 108 15.53 8.34 2.86
CA PRO B 108 14.55 9.24 3.51
C PRO B 108 15.08 10.67 3.59
N VAL B 109 14.36 11.58 2.96
CA VAL B 109 14.80 12.96 2.89
C VAL B 109 14.63 13.68 4.23
N PHE B 110 13.50 13.44 4.93
CA PHE B 110 13.30 14.13 6.20
C PHE B 110 14.39 13.77 7.21
N ASP B 111 14.79 12.49 7.23
CA ASP B 111 15.89 12.07 8.11
C ASP B 111 17.18 12.79 7.76
N LEU B 112 17.46 12.96 6.46
CA LEU B 112 18.64 13.68 6.01
C LEU B 112 18.67 15.12 6.54
N LEU B 113 17.50 15.72 6.79
CA LEU B 113 17.42 17.13 7.19
C LEU B 113 17.46 17.32 8.70
N LYS B 114 17.34 16.26 9.49
CA LYS B 114 17.46 16.41 10.94
C LYS B 114 18.90 16.71 11.33
N GLU B 115 19.07 17.39 12.46
CA GLU B 115 20.38 17.83 12.92
C GLU B 115 21.11 16.66 13.55
N GLU B 116 21.85 15.91 12.73
CA GLU B 116 22.61 14.77 13.23
C GLU B 116 23.60 14.29 12.17
N GLU B 117 24.90 14.33 12.46
CA GLU B 117 25.94 14.05 11.47
C GLU B 117 26.16 12.53 11.34
N VAL B 118 25.20 11.90 10.67
CA VAL B 118 25.11 10.45 10.49
C VAL B 118 23.96 10.14 9.52
N GLU B 119 24.21 9.24 8.56
CA GLU B 119 23.21 8.89 7.56
C GLU B 119 22.84 7.44 7.74
N GLY B 120 21.62 7.11 7.34
CA GLY B 120 21.19 5.73 7.34
C GLY B 120 20.02 5.50 6.42
N ASN B 121 20.14 4.53 5.53
CA ASN B 121 19.02 4.21 4.66
C ASN B 121 17.96 3.43 5.43
N LYS B 122 16.70 3.60 5.03
CA LYS B 122 15.63 2.79 5.58
C LYS B 122 14.49 2.72 4.57
N LEU B 123 13.98 1.51 4.35
CA LEU B 123 12.90 1.35 3.40
C LEU B 123 11.71 2.23 3.76
N ALA B 124 11.06 2.78 2.74
CA ALA B 124 9.77 3.43 2.94
C ALA B 124 8.73 2.40 3.38
N LEU B 125 8.00 2.70 4.46
CA LEU B 125 6.99 1.79 5.01
C LEU B 125 5.71 2.54 5.37
N THR B 126 4.56 1.94 5.07
CA THR B 126 3.30 2.49 5.55
C THR B 126 2.98 1.94 6.95
N SER B 127 1.92 2.45 7.55
CA SER B 127 1.70 2.30 9.01
C SER B 127 1.73 0.84 9.46
N LEU B 128 1.04 -0.06 8.74
CA LEU B 128 1.01 -1.45 9.19
C LEU B 128 2.39 -2.08 9.18
N TYR B 129 3.17 -1.81 8.11
CA TYR B 129 4.51 -2.36 7.93
C TYR B 129 5.54 -1.67 8.82
N ALA B 130 5.33 -0.38 9.14
CA ALA B 130 6.18 0.31 10.10
C ALA B 130 6.04 -0.31 11.49
N LEU B 131 4.82 -0.64 11.89
CA LEU B 131 4.62 -1.34 13.17
C LEU B 131 5.31 -2.69 13.16
N GLU B 132 5.14 -3.45 12.08
CA GLU B 132 5.84 -4.72 11.96
C GLU B 132 7.34 -4.52 12.10
N SER B 133 7.90 -3.49 11.44
CA SER B 133 9.33 -3.23 11.56
C SER B 133 9.74 -2.85 12.98
N THR B 134 8.94 -2.02 13.67
CA THR B 134 9.27 -1.66 15.04
C THR B 134 9.24 -2.87 15.96
N ILE B 135 8.27 -3.77 15.77
CA ILE B 135 8.19 -4.96 16.63
C ILE B 135 9.39 -5.85 16.39
N SER B 136 9.76 -6.01 15.11
CA SER B 136 10.92 -6.82 14.76
C SER B 136 12.18 -6.24 15.36
N GLN B 137 12.30 -4.91 15.39
CA GLN B 137 13.45 -4.28 16.01
C GLN B 137 13.47 -4.54 17.51
N ARG B 138 12.31 -4.44 18.16
CA ARG B 138 12.29 -4.73 19.59
C ARG B 138 12.73 -6.16 19.87
N LYS B 139 12.32 -7.09 18.99
CA LYS B 139 12.64 -8.50 19.19
C LYS B 139 14.15 -8.72 19.14
N ALA B 140 14.85 -8.03 18.24
CA ALA B 140 16.29 -8.22 18.06
C ALA B 140 17.16 -7.59 19.16
N PRO B 149 13.13 -2.31 29.57
CA PRO B 149 12.36 -3.13 28.63
C PRO B 149 11.04 -2.49 28.22
N SER B 150 10.94 -2.13 26.93
CA SER B 150 9.71 -1.55 26.41
C SER B 150 8.55 -2.53 26.58
N TRP B 151 7.32 -2.01 26.43
CA TRP B 151 6.17 -2.87 26.65
C TRP B 151 6.06 -3.91 25.55
N THR B 152 6.40 -3.55 24.31
CA THR B 152 6.49 -4.56 23.26
C THR B 152 7.49 -5.64 23.62
N LYS B 153 8.67 -5.25 24.11
CA LYS B 153 9.66 -6.25 24.49
C LYS B 153 9.13 -7.11 25.64
N ARG B 154 8.41 -6.50 26.59
CA ARG B 154 7.80 -7.27 27.66
C ARG B 154 6.86 -8.34 27.12
N LEU B 155 6.05 -7.99 26.11
CA LEU B 155 5.14 -8.93 25.49
C LEU B 155 5.87 -9.97 24.66
N LEU B 156 7.06 -9.65 24.15
CA LEU B 156 7.81 -10.64 23.41
C LEU B 156 8.47 -11.68 24.32
N LEU B 157 8.58 -11.40 25.62
CA LEU B 157 9.25 -12.28 26.56
C LEU B 157 8.30 -12.97 27.53
N ASN B 158 6.99 -12.88 27.30
CA ASN B 158 6.00 -13.41 28.23
C ASN B 158 4.83 -13.89 27.37
N ASP B 159 5.01 -15.08 26.80
CA ASP B 159 4.00 -15.73 25.97
C ASP B 159 2.62 -15.72 26.63
N LYS B 160 2.55 -16.09 27.92
CA LYS B 160 1.25 -16.19 28.55
C LYS B 160 0.57 -14.83 28.68
N LEU B 161 1.32 -13.82 29.08
CA LEU B 161 0.75 -12.48 29.09
C LEU B 161 0.22 -12.12 27.70
N LEU B 162 1.00 -12.38 26.64
CA LEU B 162 0.59 -12.02 25.28
C LEU B 162 -0.72 -12.70 24.88
N CYS B 163 -0.82 -14.01 25.08
CA CYS B 163 -2.02 -14.72 24.66
C CYS B 163 -3.23 -14.27 25.46
N SER B 164 -3.04 -14.01 26.77
CA SER B 164 -4.13 -13.43 27.56
C SER B 164 -4.61 -12.10 26.98
N LYS B 165 -3.67 -11.26 26.53
CA LYS B 165 -4.05 -9.99 25.90
C LYS B 165 -4.79 -10.21 24.58
N ILE B 166 -4.34 -11.17 23.77
CA ILE B 166 -5.00 -11.40 22.48
C ILE B 166 -6.45 -11.85 22.69
N ARG B 167 -6.67 -12.76 23.66
CA ARG B 167 -8.03 -13.19 23.94
C ARG B 167 -8.85 -12.06 24.55
N GLU B 168 -8.22 -11.28 25.44
CA GLU B 168 -8.93 -10.19 26.09
C GLU B 168 -9.38 -9.16 25.08
N GLU B 169 -8.48 -8.80 24.14
CA GLU B 169 -8.81 -7.73 23.20
C GLU B 169 -9.80 -8.20 22.15
N ALA B 170 -9.69 -9.45 21.70
CA ALA B 170 -10.72 -10.00 20.82
C ALA B 170 -12.10 -9.89 21.48
N ASN B 171 -12.18 -10.19 22.78
CA ASN B 171 -13.47 -10.10 23.45
C ASN B 171 -13.96 -8.65 23.49
N GLU B 172 -13.07 -7.70 23.81
CA GLU B 172 -13.44 -6.30 23.83
C GLU B 172 -13.93 -5.85 22.46
N LEU B 173 -13.28 -6.32 21.38
CA LEU B 173 -13.72 -5.95 20.04
C LEU B 173 -15.15 -6.44 19.78
N CYS B 174 -15.42 -7.70 20.11
CA CYS B 174 -16.77 -8.24 19.97
C CYS B 174 -17.78 -7.42 20.76
N GLU B 175 -17.42 -7.01 21.98
CA GLU B 175 -18.36 -6.24 22.80
C GLU B 175 -18.73 -4.90 22.19
N THR B 176 -17.92 -4.36 21.27
CA THR B 176 -18.37 -3.12 20.63
C THR B 176 -19.55 -3.37 19.70
N LEU B 177 -19.67 -4.58 19.15
CA LEU B 177 -20.85 -4.90 18.35
C LEU B 177 -22.00 -5.38 19.20
N GLU B 178 -21.71 -6.19 20.22
CA GLU B 178 -22.77 -6.70 21.09
C GLU B 178 -23.45 -5.60 21.88
N ASN B 179 -22.72 -4.56 22.28
CA ASN B 179 -23.31 -3.53 23.12
C ASN B 179 -23.46 -2.20 22.38
N ASN B 180 -23.40 -2.23 21.05
CA ASN B 180 -23.69 -1.07 20.20
C ASN B 180 -22.89 0.14 20.65
N GLU B 181 -21.58 -0.06 20.78
CA GLU B 181 -20.68 1.00 21.20
C GLU B 181 -20.30 1.85 19.99
N ASP B 182 -19.77 3.02 20.27
CA ASP B 182 -19.41 3.96 19.21
C ASP B 182 -18.37 3.35 18.29
N LYS B 183 -18.43 3.74 17.00
CA LYS B 183 -17.50 3.14 16.06
C LYS B 183 -16.05 3.47 16.40
N SER B 184 -15.81 4.60 17.09
CA SER B 184 -14.46 4.92 17.53
C SER B 184 -13.93 3.88 18.50
N ARG B 185 -14.81 3.31 19.34
CA ARG B 185 -14.36 2.24 20.22
C ARG B 185 -14.02 0.98 19.44
N THR B 186 -14.79 0.71 18.38
CA THR B 186 -14.48 -0.43 17.51
C THR B 186 -13.11 -0.29 16.88
N ALA B 187 -12.81 0.90 16.35
CA ALA B 187 -11.51 1.11 15.71
C ALA B 187 -10.38 0.99 16.73
N SER B 188 -10.61 1.52 17.93
CA SER B 188 -9.59 1.42 18.97
C SER B 188 -9.36 -0.02 19.43
N GLU B 189 -10.43 -0.80 19.62
CA GLU B 189 -10.21 -2.18 20.02
C GLU B 189 -9.60 -3.01 18.89
N MET B 190 -9.96 -2.72 17.64
CA MET B 190 -9.32 -3.43 16.54
C MET B 190 -7.82 -3.13 16.49
N ALA B 191 -7.44 -1.88 16.77
CA ALA B 191 -6.02 -1.56 16.86
C ALA B 191 -5.35 -2.38 17.94
N ASP B 192 -6.02 -2.54 19.09
CA ASP B 192 -5.47 -3.35 20.16
C ASP B 192 -5.29 -4.80 19.73
N VAL B 193 -6.31 -5.37 19.07
CA VAL B 193 -6.21 -6.75 18.56
C VAL B 193 -5.03 -6.88 17.61
N LEU B 194 -4.95 -5.99 16.62
CA LEU B 194 -3.91 -6.08 15.61
C LEU B 194 -2.51 -6.02 16.22
N TYR B 195 -2.30 -5.05 17.12
CA TYR B 195 -1.00 -4.91 17.75
C TYR B 195 -0.58 -6.19 18.44
N HIS B 196 -1.46 -6.73 19.30
CA HIS B 196 -1.04 -7.92 20.04
C HIS B 196 -0.91 -9.12 19.11
N ALA B 197 -1.76 -9.22 18.09
CA ALA B 197 -1.64 -10.32 17.15
C ALA B 197 -0.31 -10.23 16.40
N MET B 198 0.11 -9.01 16.02
CA MET B 198 1.39 -8.88 15.33
C MET B 198 2.59 -9.19 16.22
N VAL B 199 2.50 -8.97 17.53
CA VAL B 199 3.59 -9.43 18.39
C VAL B 199 3.71 -10.94 18.32
N LEU B 200 2.57 -11.65 18.34
CA LEU B 200 2.59 -13.10 18.16
C LEU B 200 3.20 -13.48 16.82
N LEU B 201 2.80 -12.80 15.73
CA LEU B 201 3.36 -13.12 14.42
C LEU B 201 4.88 -13.00 14.44
N ALA B 202 5.40 -11.97 15.11
CA ALA B 202 6.85 -11.80 15.20
C ALA B 202 7.49 -12.99 15.92
N LEU B 203 6.88 -13.43 17.01
CA LEU B 203 7.41 -14.58 17.71
C LEU B 203 7.41 -15.83 16.84
N LYS B 204 6.43 -15.98 15.95
CA LYS B 204 6.31 -17.13 15.07
C LYS B 204 7.01 -16.92 13.73
N ASP B 205 7.65 -15.77 13.54
CA ASP B 205 8.42 -15.46 12.32
C ASP B 205 7.52 -15.44 11.08
N VAL B 206 6.32 -14.87 11.24
CA VAL B 206 5.35 -14.72 10.16
C VAL B 206 5.26 -13.23 9.78
N LYS B 207 5.37 -12.94 8.48
CA LYS B 207 5.20 -11.60 7.95
C LYS B 207 3.75 -11.31 7.63
N VAL B 208 3.34 -10.05 7.84
CA VAL B 208 1.99 -9.63 7.45
C VAL B 208 1.75 -9.96 5.98
N GLU B 209 2.76 -9.75 5.13
CA GLU B 209 2.58 -10.01 3.71
C GLU B 209 2.16 -11.47 3.46
N GLU B 210 2.70 -12.39 4.24
CA GLU B 210 2.38 -13.80 4.08
C GLU B 210 0.93 -14.07 4.47
N VAL B 211 0.44 -13.39 5.51
CA VAL B 211 -0.97 -13.52 5.88
C VAL B 211 -1.87 -12.98 4.77
N LEU B 212 -1.50 -11.84 4.18
CA LEU B 212 -2.34 -11.24 3.15
C LEU B 212 -2.33 -12.08 1.86
N GLN B 213 -1.20 -12.71 1.54
CA GLN B 213 -1.21 -13.68 0.45
C GLN B 213 -2.20 -14.81 0.71
N VAL B 214 -2.30 -15.29 1.95
CA VAL B 214 -3.25 -16.35 2.26
C VAL B 214 -4.67 -15.89 1.98
N LEU B 215 -5.00 -14.65 2.39
CA LEU B 215 -6.35 -14.13 2.17
C LEU B 215 -6.64 -13.96 0.69
N ARG B 216 -5.68 -13.42 -0.06
CA ARG B 216 -5.84 -13.34 -1.52
C ARG B 216 -6.13 -14.71 -2.10
N GLN B 217 -5.36 -15.72 -1.69
CA GLN B 217 -5.51 -17.03 -2.31
C GLN B 217 -6.86 -17.66 -1.97
N ARG B 218 -7.41 -17.37 -0.79
CA ARG B 218 -8.72 -17.91 -0.46
C ARG B 218 -9.85 -17.30 -1.29
N PHE B 219 -9.74 -16.01 -1.64
CA PHE B 219 -10.76 -15.32 -2.42
C PHE B 219 -10.42 -15.28 -3.90
N SER B 220 -9.53 -16.17 -4.34
CA SER B 220 -9.12 -16.33 -5.72
C SER B 220 -10.20 -17.07 -6.52
ZN ZN C . -7.00 12.12 -11.09
ZN ZN D . 14.75 5.91 -10.60
ZN ZN E . -9.05 -20.64 12.29
ZN ZN F . -7.64 13.61 -14.75
ZN ZN G . 16.47 0.39 -7.42
ZN ZN H . -15.28 -6.92 28.06
ZN ZN I . -8.60 -2.99 23.99
ZN ZN J . -1.61 11.30 -15.06
ZN ZN K . 19.86 2.38 -8.82
#